data_2O44
#
_entry.id   2O44
#
_cell.length_a   172.802
_cell.length_b   411.475
_cell.length_c   697.616
_cell.angle_alpha   90
_cell.angle_beta   90
_cell.angle_gamma   90
#
_symmetry.space_group_name_H-M   'I 2 2 2'
#
loop_
_entity.id
_entity.type
_entity.pdbx_description
1 polymer '23S rRNA'
2 non-polymer '(2S,3S,4R,6S)-6-{[(2R,3S,4R,5R,6S)-6-{[(4R,5S,6S,7R,9R,10S,12E,14Z,16R)-4-(ACETYLOXY)-10-HYDROXY-5-METHOXY-9,16-DIMETHYL-2-OXO-7-(2-OXOETHYL)OXACYCLOHEXADECA-12,14-DIEN-6-YL]OXY}-4-(DIMETHYLAMINO)-5-HYDROXY-2-METHYLTETRAHYDRO-2H-PYRAN-3-YL]OXY}-4-HYDROXY-2,4-DIMETHYLTETRAHYDRO-2H-PYRAN-3-YL 3-METHYLBUTANOATE'
#
_entity_poly.entity_id   1
_entity_poly.type   'polyribonucleotide'
_entity_poly.pdbx_seq_one_letter_code
;GGUCAAGAUAGUAAGGGUCCACGGUGGAUGCCCUGGCGCUGGAGCCGAUGAAGGACGCGAUUACCUGCGAAAAGCCCCGA
CGAGCUGGAGAUACGCUUUGACUCGGGGAUGUCCGAAUGGGGAAACCCACCUCGUAAGAGGUAUCCGCAAGGAUGGGAAC
UCAGGGAACUGAAACAUCUCAGUACCUGAAGGAGAAGAAAGAGAAUUCGAUUCCGUUAGUAGCGGCGAGCGAACCCGGAU
CAGCCCAAACCGAAACGCUUGCGUUUCGGGGUUGUAGGACCAGUUUUUAAGAUUCAACCCCUCAAGCCGAAGUGGCUGGA
AAGCUACACCUCAGAAGGUGAGAGUCCUGUAGGCGAACGAGCGGUUGACUGUACUGGCACCUGAGUAGGUCGUUGUUCGU
GAAACGAUGACUGAAUCCGCGCGGACCACCGCGCAAGGCUAAAUACUCCCAGUGACCGAUAGCGCAUAGUACCGUGAGGG
AAAGGUGAAAAGAACCCCGGGAGGGGAGUGAAAGAGAACCUGAAACCGUGGACUUACAAGCAGUCAUGGCACCUUAUGCG
UGUUAUGGCGUGCCUAUUGAAGCAUGAGCCGGCGACUUAGACCUGACGUGCGAGCUUAAGUUGAAAAACGGAGGCGGAGC
GAAAGCGAGUCCGAAUAGGGCGGCAUUAGUACGUCGGGCUAGACUCGAAACCAGGUGAGCUAAGCAUGACCAGGUUGAAA
CCCCCGUGACAGGGGGCGGAGGACCGAACCGGUGCCUGCUGAAACAGUCUCGGAUGAGUUGUGUUUAGGAGUGAAAAGCU
AACCGAACCUGGAGAUAGCUAGUUCUCCCCGAAAUGUAUUGAGGUACAGCCUCGGAUGUUGACCAUGUCCUGUAGAGCAC
UCACAAGGCUAGGGGGCCUACCAGCUUACCAAACCUUAUGAAACUCCGAAGGGGCACGCGUUUAGUCCGGGAGUGAGGCU
GCGAGAGCUAACUUCCGUAGCCGAGAGGGAAACAACCCAGACCAUCAGCUAAGGUCCCUAAAUGAUCGCUCAGUGGUUAA
GGAUGUGUCGUCGCAUAGACAGCCAGGAGGUUGGCUUAGAAGCAGCCACCCUUCAAAGAGUGCGUAAUAGCUCACUGGUC
GAGUGACGAUGCGCCGAAAAUGAUCGGGGCUCAAGUGAUCUACCGAAGCUAUGGAUUCAACUCGCGAAGCGAGUUGUCUG
GUAGGGGAGCGUUCAGUCCGCGGAGAAGCCAUACCGGAAGGAGUGGUGGAGCCGACUGAAGUGCGGAUGCCGGCAUGAGU
AACGAUAAAAGAAGUGAGAAUCUUCUUCGCCGUAAGGACAAGGGUUCCUGGGGAAGGGUCGUCCGCCCAGGGAAAGUCGG
GACCUAAGGUGAGGCCGAACGGCGCAGCCGAUGGACAGCAGGUCAAGAUUCCUGCACCGAUCAUGUGGAGUGAUGGAGGG
ACGCAUUACGCUAUCCAAUGCCAAGCUAUGGCUAUGCUGGUUGGUACGCUCAAGGGCGAUCGGGUCAGAAAAUCUACCGG
UCACAUGCCUCAGACGUAUCGGGAGCUUCCUCGGAAGCGAAGUUGGAAACGCGACGGUGCCAAGAAAAGCUUCUAAACGU
UGAAACAUGAUUGCCCGUACCGCAAACCGACACAGGUGUCCGAGUGUCAAUGCACUAAGGCGCGCGAGAGAACCCUCGUU
AAGGAACUUUGCAAUCUCACCCCGUAACUUCGGAAGAAGGGGUCCCCACGCUUCGCGUGGGGCGCAGUGAAUAGGCCCAG
GCGACUGUUUACCAAAAUCACAGCACUCUGCCAACACGAACAGUGGACGUAUAGGGUGUGACGCCUGCCCGGUGCCGGAA
GGUCAAGUGGAGCGGUGCAAGCUGCGAAAUGAAGCCCCGGUGAACGGCGGCCGUAACUAUAACGGUCCUAAGGUAGCGAA
AUUCCUUGUCGGGUAAGUUCCGACCUGCACGAAAGGCGUAACGAUCUGGGCGCUGUCUCAACGAGGGACUCGGUGAAAUU
GAAUUGGCUGUAAAGAUGCGGCCUACCCGUAGCAGGACGAAAAGACCCCGUGGAGCUUUACUAUAGUCUGGCAUUGGGAU
UCGGGUUUCUCUGCGUAGGAUAGGUGGGAGCCUGCGAAACUGGCCUUUUGGGGUCGGUGGAGGCAACGGUGAAAUACCAC
CCUGAGAAACUUGGAUUUCUAACCUGAAAAAUCACUUUCGGGGACCGUGCUUGGCGGGUAGUUUGACUGGGGCGGUCGCC
UCCCAAAAUGUAACGGAGGCGCCCAAAGGUCACCUCAAGACGGUUGGAAAUCGUCUGUAGAGCGCAAAGGUAGAAGGUGG
CUUGACUGCGAGACUGACACGUCGAGCAGGGAGGAAACUCGGGCUUAGUGAACCGGUGGUACCGUGUGGAAGGGCCAUCG
AUCAACGGAUAAAAGUUACCCCGGGGAUAACAGGCUGAUCUCCCCCGAGAGUCCAUAUCGGCGGGGAGGUUUGGCACCUC
GAUGUCGGCUCGUCGCAUCCUGGGGCUGAAGAAGGUCCCAAGGGUUGGGCUGUUCGCCCAUUAAAGCGGCACGCGAGCUG
GGUUCAGAACGUCGUGAGACAGUUCGGUCUCUAUCCGCUACGGGCGCAGGAGAAUUGAGGGGAGUUGCUCCUAGUACGAG
AGGACCGGAGUGAACGGACCGCUGGUCUCCCUGCUGUCGUACCAACGGCACAUGCAGGGUAGCUAUGUCCGGAACGGAUA
ACCGCUGAAAGCAUCUAAGCGGGAAGCCAGCCCCAAGAUGAGUUCUCCCACUGUUUAUCAGGUAAGACUCCCGGAAGACC
ACCGGGUUAAGAGGCCAGGCGUGCACGCAUAGCAAUGUGUUCAGCGGACUGGUGCUCAUCAGUCGAGGUCUUGACCACUC
;
_entity_poly.pdbx_strand_id   A
#